data_2QMW
#
_entry.id   2QMW
#
_cell.length_a   60.859
_cell.length_b   87.406
_cell.length_c   107.744
_cell.angle_alpha   90.00
_cell.angle_beta   90.00
_cell.angle_gamma   90.00
#
_symmetry.space_group_name_H-M   'P 21 21 2'
#
loop_
_entity.id
_entity.type
_entity.pdbx_description
1 polymer 'Prephenate dehydratase'
2 non-polymer 'SODIUM ION'
3 non-polymer 'ACETATE ION'
4 non-polymer 1,2-ETHANEDIOL
5 non-polymer DI(HYDROXYETHYL)ETHER
6 water water
#
_entity_poly.entity_id   1
_entity_poly.type   'polypeptide(L)'
_entity_poly.pdbx_seq_one_letter_code
;SNA(MSE)QLYYLGPKGTFSYLACRQYFSENEATFQPKSNLFEVIKAVADDDTSIGVVPIENSIEGTINIVADALAQQDV
FAHGEIRLDINFALYGNGTDSISDIKKVYSIAPAISQTTNYIHQHQFDYDYVDSTIQSLTKIENGVAAIAPLGSGEAYGF
TPIDTHIEDYPHNVTRFLVIKNQQQFDQNATSL(MSE)FLITP(MSE)HDKPGLLASVLNTFALFNINLSWIESRPLKTQ
LG(MSE)YRFFVQADSAITTDIKKVIAILETLDFKVE(MSE)IGAFN
;
_entity_poly.pdbx_strand_id   A,B
#
loop_
_chem_comp.id
_chem_comp.type
_chem_comp.name
_chem_comp.formula
ACT non-polymer 'ACETATE ION' 'C2 H3 O2 -1'
EDO non-polymer 1,2-ETHANEDIOL 'C2 H6 O2'
NA non-polymer 'SODIUM ION' 'Na 1'
PEG non-polymer DI(HYDROXYETHYL)ETHER 'C4 H10 O3'
#
# COMPACT_ATOMS: atom_id res chain seq x y z
N MSE A 4 21.46 35.73 21.67
CA MSE A 4 21.19 34.33 21.27
C MSE A 4 22.12 33.90 20.10
O MSE A 4 22.36 34.65 19.19
CB MSE A 4 19.71 34.10 20.89
CG MSE A 4 19.54 32.95 19.84
SE MSE A 4 17.86 31.87 19.68
CE MSE A 4 18.16 30.60 21.12
N GLN A 5 22.65 32.68 20.15
CA GLN A 5 23.61 32.27 19.12
C GLN A 5 23.00 31.70 17.87
N LEU A 6 23.55 32.07 16.73
CA LEU A 6 23.06 31.47 15.46
C LEU A 6 24.29 30.91 14.84
N TYR A 7 24.49 29.60 14.99
CA TYR A 7 25.66 28.87 14.37
C TYR A 7 25.46 28.57 12.90
N TYR A 8 26.50 28.74 12.10
CA TYR A 8 26.36 28.35 10.72
C TYR A 8 27.75 28.19 10.19
N LEU A 9 27.86 27.58 9.00
CA LEU A 9 29.14 27.38 8.29
C LEU A 9 29.66 28.65 7.66
N GLY A 10 30.87 29.01 8.08
CA GLY A 10 31.57 30.12 7.57
C GLY A 10 32.61 29.70 6.60
N PRO A 11 33.47 30.63 6.22
CA PRO A 11 33.48 32.05 6.72
C PRO A 11 32.37 32.93 6.14
N LYS A 12 32.45 34.24 6.37
CA LYS A 12 31.46 35.13 5.72
C LYS A 12 31.51 34.99 4.17
N GLY A 13 30.31 35.01 3.56
CA GLY A 13 30.10 34.89 2.14
C GLY A 13 29.81 33.52 1.55
N THR A 14 29.51 32.53 2.38
CA THR A 14 29.08 31.18 1.99
C THR A 14 27.67 31.33 1.75
N PHE A 15 27.09 30.39 1.01
CA PHE A 15 25.63 30.27 1.04
C PHE A 15 24.96 30.18 2.42
N SER A 16 25.49 29.36 3.35
CA SER A 16 24.94 29.37 4.73
C SER A 16 24.80 30.83 5.35
N TYR A 17 25.86 31.60 5.24
CA TYR A 17 25.94 32.95 5.73
C TYR A 17 24.80 33.80 5.13
N LEU A 18 24.73 33.80 3.82
CA LEU A 18 23.58 34.37 3.07
C LEU A 18 22.20 33.97 3.49
N ALA A 19 22.03 32.69 3.76
CA ALA A 19 20.74 32.26 4.29
C ALA A 19 20.50 32.90 5.65
N CYS A 20 21.55 33.05 6.44
CA CYS A 20 21.39 33.63 7.79
C CYS A 20 20.98 35.10 7.64
N ARG A 21 21.68 35.85 6.80
CA ARG A 21 21.29 37.22 6.41
C ARG A 21 19.89 37.29 5.88
N GLN A 22 19.56 36.54 4.83
CA GLN A 22 18.16 36.55 4.38
C GLN A 22 17.18 36.31 5.49
N TYR A 23 17.37 35.32 6.34
CA TYR A 23 16.31 34.88 7.19
C TYR A 23 16.21 35.39 8.60
N PHE A 24 17.22 36.10 9.09
CA PHE A 24 17.34 36.49 10.49
C PHE A 24 17.80 37.94 10.63
N SER A 25 17.42 38.66 11.73
CA SER A 25 18.22 39.88 12.10
C SER A 25 19.44 39.60 12.88
N GLU A 26 20.46 40.46 12.69
CA GLU A 26 21.70 40.51 13.47
C GLU A 26 21.46 41.04 14.91
N ASN A 27 20.29 41.64 15.03
CA ASN A 27 19.80 42.32 16.17
C ASN A 27 18.69 41.51 16.86
N GLU A 28 18.65 40.19 16.59
CA GLU A 28 17.89 39.17 17.35
C GLU A 28 18.70 37.83 17.35
N ALA A 29 19.92 37.89 16.80
CA ALA A 29 20.84 36.75 16.91
C ALA A 29 22.26 37.25 16.89
N THR A 30 23.15 36.63 17.64
CA THR A 30 24.56 36.80 17.38
C THR A 30 25.09 35.69 16.42
N PHE A 31 25.61 36.13 15.27
CA PHE A 31 26.10 35.25 14.19
C PHE A 31 27.40 34.62 14.56
N GLN A 32 27.41 33.29 14.54
CA GLN A 32 28.62 32.58 14.97
C GLN A 32 29.09 31.64 13.88
N PRO A 33 30.04 32.10 13.04
CA PRO A 33 30.46 31.17 11.91
C PRO A 33 31.29 30.02 12.48
N LYS A 34 31.13 28.82 11.96
CA LYS A 34 32.04 27.72 12.32
C LYS A 34 32.73 27.15 11.07
N SER A 35 33.82 26.46 11.29
CA SER A 35 34.65 25.85 10.26
C SER A 35 34.08 24.71 9.49
N ASN A 36 33.10 23.99 10.03
CA ASN A 36 32.63 22.84 9.31
C ASN A 36 31.34 22.50 9.90
N LEU A 37 30.60 21.59 9.31
CA LEU A 37 29.23 21.29 9.74
C LEU A 37 29.21 20.49 11.03
N PHE A 38 30.25 19.65 11.18
CA PHE A 38 30.40 18.95 12.43
C PHE A 38 30.40 19.97 13.60
N GLU A 39 31.27 20.96 13.63
CA GLU A 39 31.27 22.08 14.60
C GLU A 39 29.98 22.83 14.79
N VAL A 40 29.31 23.11 13.69
CA VAL A 40 27.99 23.75 13.81
C VAL A 40 27.00 22.97 14.61
N ILE A 41 26.89 21.68 14.27
CA ILE A 41 25.93 20.82 14.93
C ILE A 41 26.30 20.62 16.41
N LYS A 42 27.58 20.36 16.66
CA LYS A 42 28.14 20.28 17.99
C LYS A 42 27.85 21.55 18.89
N ALA A 43 28.09 22.74 18.35
CA ALA A 43 27.71 24.00 19.05
C ALA A 43 26.23 24.12 19.35
N VAL A 44 25.37 23.93 18.37
CA VAL A 44 23.91 23.91 18.65
C VAL A 44 23.56 22.89 19.78
N ALA A 45 24.05 21.64 19.60
CA ALA A 45 23.88 20.58 20.64
C ALA A 45 24.22 20.99 22.09
N ASP A 46 25.27 21.80 22.31
CA ASP A 46 25.79 22.16 23.59
C ASP A 46 25.29 23.57 24.07
N ASP A 47 24.87 24.42 23.15
CA ASP A 47 24.35 25.73 23.48
C ASP A 47 22.81 25.65 23.53
N ASP A 48 22.26 25.76 24.73
CA ASP A 48 20.82 25.69 24.90
C ASP A 48 20.06 26.92 24.38
N THR A 49 20.74 28.07 24.32
CA THR A 49 20.11 29.21 23.68
C THR A 49 20.83 29.50 22.37
N SER A 50 20.45 28.70 21.37
CA SER A 50 21.12 28.57 20.02
C SER A 50 20.14 28.15 19.03
N ILE A 51 20.37 28.56 17.78
CA ILE A 51 19.89 27.75 16.74
C ILE A 51 21.05 27.59 15.80
N GLY A 52 20.84 26.78 14.77
CA GLY A 52 21.87 26.60 13.82
C GLY A 52 21.12 26.54 12.53
N VAL A 53 21.80 26.96 11.49
CA VAL A 53 21.17 26.82 10.13
C VAL A 53 22.05 25.87 9.34
N VAL A 54 21.53 24.82 8.74
CA VAL A 54 22.39 23.74 8.31
C VAL A 54 21.74 23.21 7.01
N PRO A 55 22.54 22.93 5.98
CA PRO A 55 21.88 22.30 4.83
C PRO A 55 21.14 20.92 5.02
N ILE A 56 19.98 20.73 4.40
CA ILE A 56 19.34 19.43 4.51
C ILE A 56 18.93 18.76 3.19
N GLU A 57 18.74 19.59 2.12
CA GLU A 57 18.35 19.07 0.79
C GLU A 57 19.04 19.86 -0.27
N ASN A 58 19.70 19.16 -1.17
CA ASN A 58 20.25 19.80 -2.39
C ASN A 58 21.43 20.70 -2.03
N SER A 59 22.26 20.22 -1.11
CA SER A 59 23.57 20.84 -0.89
C SER A 59 24.37 20.79 -2.15
N ILE A 60 25.24 21.81 -2.37
CA ILE A 60 26.10 21.79 -3.59
C ILE A 60 27.53 21.55 -3.11
N GLU A 61 27.73 21.49 -1.82
CA GLU A 61 29.05 21.30 -1.30
C GLU A 61 28.91 20.49 -0.03
N GLY A 62 29.44 19.31 0.02
CA GLY A 62 29.40 18.71 1.36
C GLY A 62 28.03 18.13 1.67
N THR A 63 28.06 17.01 2.40
CA THR A 63 26.99 16.07 2.44
C THR A 63 25.97 16.46 3.51
N ILE A 64 24.70 16.10 3.34
CA ILE A 64 23.74 16.40 4.40
C ILE A 64 23.69 15.26 5.39
N ASN A 65 24.43 14.17 5.15
CA ASN A 65 24.30 12.97 5.95
C ASN A 65 24.61 13.27 7.39
N ILE A 66 25.51 14.20 7.59
CA ILE A 66 25.96 14.48 8.95
C ILE A 66 24.83 15.17 9.70
N VAL A 67 24.02 15.95 8.96
CA VAL A 67 22.92 16.64 9.52
C VAL A 67 21.82 15.60 9.75
N ALA A 68 21.55 14.79 8.70
CA ALA A 68 20.55 13.72 8.87
C ALA A 68 20.88 12.75 10.06
N ASP A 69 22.17 12.55 10.38
CA ASP A 69 22.56 11.62 11.43
C ASP A 69 22.34 12.26 12.85
N ALA A 70 22.57 13.55 12.92
CA ALA A 70 22.39 14.31 14.16
C ALA A 70 20.93 14.34 14.59
N LEU A 71 20.08 14.58 13.65
CA LEU A 71 18.65 14.41 13.74
C LEU A 71 18.18 12.99 14.13
N ALA A 72 18.66 11.94 13.42
CA ALA A 72 18.39 10.55 13.82
C ALA A 72 18.80 10.20 15.30
N GLN A 73 19.97 10.65 15.75
CA GLN A 73 20.45 10.46 17.07
C GLN A 73 19.85 11.45 18.08
N GLN A 74 19.02 12.39 17.62
CA GLN A 74 18.33 13.35 18.47
C GLN A 74 19.32 14.21 19.18
N ASP A 75 20.52 14.37 18.60
CA ASP A 75 21.43 15.43 19.12
C ASP A 75 20.81 16.86 18.88
N VAL A 76 19.85 16.98 17.97
CA VAL A 76 19.47 18.28 17.48
C VAL A 76 18.09 18.08 16.97
N PHE A 77 17.33 19.15 16.81
CA PHE A 77 15.94 19.00 16.43
C PHE A 77 15.63 20.10 15.42
N ALA A 78 14.74 19.80 14.49
CA ALA A 78 14.33 20.75 13.47
C ALA A 78 13.12 21.62 13.89
N HIS A 79 13.35 22.94 13.84
CA HIS A 79 12.36 23.88 14.24
C HIS A 79 11.87 24.79 13.19
N GLY A 80 12.41 24.64 11.97
CA GLY A 80 11.99 25.40 10.77
C GLY A 80 12.85 25.03 9.55
N GLU A 81 12.46 25.49 8.37
CA GLU A 81 13.24 25.29 7.12
C GLU A 81 13.27 26.59 6.38
N ILE A 82 14.35 26.84 5.65
CA ILE A 82 14.48 27.99 4.78
C ILE A 82 15.04 27.57 3.40
N ARG A 83 14.58 28.21 2.32
CA ARG A 83 14.99 27.77 0.93
C ARG A 83 15.88 28.87 0.41
N LEU A 84 17.02 28.49 -0.13
CA LEU A 84 17.82 29.52 -0.66
C LEU A 84 18.00 29.24 -2.14
N ASP A 85 17.75 30.27 -2.94
CA ASP A 85 18.19 30.25 -4.35
C ASP A 85 19.73 30.10 -4.52
N ILE A 86 20.16 29.16 -5.34
CA ILE A 86 21.55 29.06 -5.54
C ILE A 86 21.88 29.77 -6.90
N ASN A 87 22.44 31.00 -6.84
CA ASN A 87 22.69 31.91 -7.94
C ASN A 87 24.10 32.43 -7.66
N PHE A 88 24.78 32.91 -8.69
CA PHE A 88 26.15 33.29 -8.71
C PHE A 88 26.28 34.56 -9.51
N ALA A 89 27.36 35.33 -9.30
CA ALA A 89 27.75 36.51 -10.07
C ALA A 89 29.24 36.41 -10.33
N LEU A 90 29.62 37.16 -11.37
CA LEU A 90 30.99 37.46 -11.75
C LEU A 90 31.39 38.84 -11.24
N TYR A 91 32.45 38.81 -10.44
CA TYR A 91 32.96 39.90 -9.60
C TYR A 91 34.32 40.23 -10.15
N GLY A 92 34.54 41.53 -10.37
CA GLY A 92 35.77 41.95 -10.98
C GLY A 92 36.35 43.19 -10.37
N ASN A 93 37.23 43.85 -11.15
CA ASN A 93 37.97 45.00 -10.60
C ASN A 93 37.25 46.37 -10.68
N GLY A 94 35.93 46.37 -10.86
CA GLY A 94 35.23 47.66 -10.99
C GLY A 94 35.36 48.23 -12.41
N THR A 95 36.35 47.76 -13.18
CA THR A 95 36.73 48.38 -14.46
C THR A 95 36.34 47.44 -15.58
N ASP A 96 36.77 46.20 -15.41
CA ASP A 96 36.63 45.19 -16.43
C ASP A 96 35.22 44.94 -16.86
N SER A 97 35.15 44.59 -18.11
CA SER A 97 33.95 44.17 -18.62
C SER A 97 34.26 42.70 -18.85
N ILE A 98 33.26 42.03 -19.34
CA ILE A 98 33.25 40.62 -19.49
C ILE A 98 34.19 40.20 -20.68
N SER A 99 34.20 41.08 -21.66
CA SER A 99 35.07 41.01 -22.80
C SER A 99 36.52 41.15 -22.35
N ASP A 100 36.77 41.87 -21.27
CA ASP A 100 38.12 41.85 -20.70
C ASP A 100 38.56 40.66 -19.87
N ILE A 101 37.66 39.80 -19.44
CA ILE A 101 38.12 38.78 -18.51
C ILE A 101 38.79 37.60 -19.23
N LYS A 102 39.98 37.28 -18.81
CA LYS A 102 40.81 36.18 -19.28
C LYS A 102 40.69 34.95 -18.36
N LYS A 103 40.48 35.20 -17.04
CA LYS A 103 40.57 34.13 -16.06
C LYS A 103 39.68 34.32 -14.86
N VAL A 104 39.07 33.22 -14.38
CA VAL A 104 38.36 33.25 -13.15
C VAL A 104 38.92 32.27 -12.10
N TYR A 105 38.67 32.66 -10.86
CA TYR A 105 38.99 31.83 -9.70
C TYR A 105 37.73 31.65 -8.93
N SER A 106 37.53 30.43 -8.44
CA SER A 106 36.30 30.12 -7.74
C SER A 106 36.47 28.88 -6.91
N ILE A 107 35.63 28.79 -5.88
CA ILE A 107 35.49 27.53 -5.15
C ILE A 107 34.84 26.53 -6.08
N ALA A 108 35.25 25.29 -5.86
CA ALA A 108 34.86 24.16 -6.61
C ALA A 108 33.37 24.01 -6.92
N PRO A 109 32.52 24.17 -5.89
CA PRO A 109 31.06 24.05 -5.97
C PRO A 109 30.49 25.08 -6.96
N ALA A 110 31.04 26.28 -6.92
CA ALA A 110 30.58 27.35 -7.78
C ALA A 110 30.96 27.06 -9.28
N ILE A 111 32.12 26.48 -9.50
CA ILE A 111 32.59 26.14 -10.91
C ILE A 111 31.62 25.13 -11.49
N SER A 112 31.27 24.17 -10.68
CA SER A 112 30.40 23.09 -11.06
C SER A 112 29.00 23.58 -11.37
N GLN A 113 28.54 24.66 -10.78
CA GLN A 113 27.25 25.15 -11.07
C GLN A 113 27.26 26.19 -12.27
N THR A 114 28.41 26.79 -12.61
CA THR A 114 28.57 27.74 -13.65
C THR A 114 29.40 27.27 -14.83
N THR A 115 29.54 25.96 -15.01
CA THR A 115 30.48 25.41 -16.03
C THR A 115 30.09 25.79 -17.52
N ASN A 116 28.81 25.66 -17.91
CA ASN A 116 28.29 26.17 -19.23
C ASN A 116 28.63 27.60 -19.41
N TYR A 117 28.51 28.42 -18.34
CA TYR A 117 28.98 29.80 -18.35
C TYR A 117 30.40 30.02 -18.65
N ILE A 118 31.22 29.26 -17.93
CA ILE A 118 32.66 29.31 -18.07
C ILE A 118 33.08 28.94 -19.54
N HIS A 119 32.41 27.95 -20.09
CA HIS A 119 32.70 27.38 -21.40
C HIS A 119 32.27 28.36 -22.49
N GLN A 120 31.04 28.82 -22.42
CA GLN A 120 30.50 29.87 -23.38
C GLN A 120 31.47 30.98 -23.53
N HIS A 121 32.06 31.39 -22.42
CA HIS A 121 32.98 32.52 -22.40
C HIS A 121 34.46 32.22 -22.51
N GLN A 122 34.78 30.93 -22.55
CA GLN A 122 36.15 30.49 -22.71
C GLN A 122 37.05 31.10 -21.65
N PHE A 123 36.55 31.37 -20.44
CA PHE A 123 37.48 31.66 -19.32
C PHE A 123 38.38 30.47 -18.99
N ASP A 124 39.65 30.77 -18.74
CA ASP A 124 40.46 29.89 -18.02
C ASP A 124 40.04 30.00 -16.55
N TYR A 125 40.30 28.95 -15.76
CA TYR A 125 39.91 29.00 -14.36
C TYR A 125 40.81 28.15 -13.48
N ASP A 126 40.74 28.47 -12.20
CA ASP A 126 41.40 27.68 -11.20
C ASP A 126 40.60 27.83 -9.89
N TYR A 127 40.89 26.94 -8.94
CA TYR A 127 40.18 26.82 -7.68
C TYR A 127 40.84 27.50 -6.58
N VAL A 128 40.01 27.96 -5.69
CA VAL A 128 40.49 28.64 -4.51
C VAL A 128 39.70 27.98 -3.35
N ASP A 129 40.09 28.21 -2.09
CA ASP A 129 39.47 27.47 -0.98
C ASP A 129 38.22 28.20 -0.43
N SER A 130 37.99 29.45 -0.84
CA SER A 130 36.88 30.20 -0.31
C SER A 130 36.53 31.46 -1.12
N THR A 131 35.32 32.01 -0.94
CA THR A 131 35.03 33.19 -1.71
C THR A 131 35.97 34.41 -1.51
N ILE A 132 36.37 34.70 -0.27
CA ILE A 132 37.32 35.80 -0.06
C ILE A 132 38.62 35.55 -0.75
N GLN A 133 39.05 34.29 -0.81
CA GLN A 133 40.21 33.94 -1.60
C GLN A 133 40.07 34.35 -3.11
N SER A 134 39.00 33.90 -3.75
CA SER A 134 38.51 34.36 -5.04
C SER A 134 38.79 35.79 -5.22
N LEU A 135 38.25 36.60 -4.30
CA LEU A 135 38.21 38.02 -4.40
C LEU A 135 39.63 38.57 -4.44
N THR A 136 40.59 37.82 -3.85
CA THR A 136 41.96 38.30 -3.75
C THR A 136 42.69 38.05 -5.04
N LYS A 137 42.11 37.26 -5.93
CA LYS A 137 42.78 37.03 -7.22
C LYS A 137 42.42 38.10 -8.24
N ILE A 138 41.50 38.97 -7.87
CA ILE A 138 40.98 39.96 -8.78
C ILE A 138 42.09 40.95 -9.08
N GLU A 139 42.24 41.28 -10.37
CA GLU A 139 43.17 42.27 -10.93
C GLU A 139 42.72 42.45 -12.42
N ASN A 140 43.49 43.17 -13.24
CA ASN A 140 43.10 43.38 -14.63
C ASN A 140 42.99 42.07 -15.37
N GLY A 141 41.84 41.85 -16.02
CA GLY A 141 41.57 40.60 -16.78
C GLY A 141 41.28 39.33 -15.92
N VAL A 142 41.14 39.52 -14.60
CA VAL A 142 40.88 38.37 -13.68
C VAL A 142 39.62 38.64 -12.83
N ALA A 143 38.68 37.68 -12.85
CA ALA A 143 37.43 37.79 -12.09
C ALA A 143 37.24 36.62 -11.11
N ALA A 144 36.28 36.79 -10.19
CA ALA A 144 35.94 35.69 -9.24
C ALA A 144 34.51 35.34 -9.56
N ILE A 145 34.19 34.09 -9.68
CA ILE A 145 32.79 33.65 -9.66
C ILE A 145 32.44 33.33 -8.17
N ALA A 146 31.39 33.98 -7.64
CA ALA A 146 30.99 33.83 -6.21
C ALA A 146 29.47 33.82 -6.04
N PRO A 147 28.96 33.29 -4.89
CA PRO A 147 27.56 33.47 -4.55
C PRO A 147 27.06 34.90 -4.74
N LEU A 148 25.86 35.01 -5.29
CA LEU A 148 25.32 36.28 -5.72
C LEU A 148 25.13 37.05 -4.37
N GLY A 149 25.91 38.11 -4.19
CA GLY A 149 25.65 39.03 -3.06
C GLY A 149 26.74 38.81 -2.03
N SER A 150 27.58 37.78 -2.22
CA SER A 150 28.73 37.62 -1.36
C SER A 150 29.94 38.54 -1.62
N GLY A 151 30.14 39.00 -2.85
CA GLY A 151 31.21 39.97 -3.17
C GLY A 151 30.87 41.31 -2.55
N GLU A 152 29.63 41.70 -2.60
CA GLU A 152 29.28 42.98 -1.98
C GLU A 152 29.40 42.97 -0.44
N ALA A 153 29.47 41.78 0.20
CA ALA A 153 29.86 41.62 1.65
C ALA A 153 31.32 42.00 1.92
N TYR A 154 32.11 42.12 0.84
CA TYR A 154 33.50 42.53 0.98
C TYR A 154 33.86 43.73 0.15
N GLY A 155 32.89 44.56 -0.21
CA GLY A 155 33.22 45.74 -1.01
C GLY A 155 33.52 45.60 -2.51
N PHE A 156 33.09 44.48 -3.15
CA PHE A 156 33.21 44.32 -4.62
C PHE A 156 31.87 44.48 -5.40
N THR A 157 31.98 44.69 -6.70
CA THR A 157 30.84 44.84 -7.61
C THR A 157 30.85 43.81 -8.74
N PRO A 158 29.67 43.29 -9.15
CA PRO A 158 29.61 42.40 -10.33
C PRO A 158 29.85 43.04 -11.68
N ILE A 159 30.54 42.32 -12.55
CA ILE A 159 30.69 42.55 -13.94
C ILE A 159 29.42 41.97 -14.55
N ASP A 160 28.81 40.93 -13.94
CA ASP A 160 27.69 40.19 -14.58
C ASP A 160 26.98 39.40 -13.44
N THR A 161 25.66 39.16 -13.51
CA THR A 161 24.99 38.48 -12.41
C THR A 161 24.02 37.48 -12.97
N HIS A 162 23.50 36.63 -12.10
CA HIS A 162 22.62 35.55 -12.45
C HIS A 162 23.30 34.61 -13.45
N ILE A 163 24.59 34.33 -13.24
CA ILE A 163 25.36 33.53 -14.19
C ILE A 163 25.22 32.03 -13.93
N GLU A 164 24.36 31.63 -13.02
CA GLU A 164 24.23 30.18 -12.83
C GLU A 164 23.72 29.52 -14.13
N ASP A 165 24.16 28.28 -14.38
CA ASP A 165 23.62 27.55 -15.55
C ASP A 165 22.18 27.11 -15.40
N TYR A 166 21.65 26.93 -14.18
CA TYR A 166 20.25 26.55 -14.08
C TYR A 166 19.50 27.59 -13.26
N PRO A 167 18.22 27.79 -13.60
CA PRO A 167 17.53 28.89 -12.88
C PRO A 167 16.82 28.51 -11.64
N HIS A 168 16.55 27.24 -11.45
CA HIS A 168 15.81 26.89 -10.23
C HIS A 168 16.56 25.93 -9.34
N ASN A 169 17.82 26.27 -9.08
CA ASN A 169 18.58 25.40 -8.15
C ASN A 169 18.37 25.96 -6.75
N VAL A 170 17.89 25.15 -5.81
CA VAL A 170 17.46 25.64 -4.49
C VAL A 170 18.06 24.65 -3.43
N THR A 171 18.84 25.19 -2.52
CA THR A 171 19.24 24.45 -1.35
C THR A 171 18.33 24.75 -0.17
N ARG A 172 17.86 23.67 0.44
CA ARG A 172 16.97 23.76 1.60
C ARG A 172 17.78 23.59 2.84
N PHE A 173 17.54 24.48 3.78
CA PHE A 173 18.24 24.44 5.08
C PHE A 173 17.26 24.20 6.12
N LEU A 174 17.72 23.63 7.25
CA LEU A 174 16.94 23.47 8.48
C LEU A 174 17.36 24.44 9.51
N VAL A 175 16.36 24.91 10.28
CA VAL A 175 16.71 25.74 11.37
C VAL A 175 16.74 24.75 12.51
N ILE A 176 17.88 24.59 13.14
CA ILE A 176 17.96 23.54 14.18
C ILE A 176 18.18 24.03 15.60
N LYS A 177 17.73 23.24 16.56
CA LYS A 177 17.93 23.54 17.98
C LYS A 177 18.21 22.30 18.82
N ASN A 178 18.88 22.40 19.97
CA ASN A 178 18.98 21.21 20.86
C ASN A 178 17.75 20.81 21.69
N GLN A 179 16.60 21.50 21.49
CA GLN A 179 15.30 21.26 22.16
C GLN A 179 14.24 20.66 21.25
N GLN A 180 13.48 19.72 21.80
CA GLN A 180 12.52 18.95 21.02
C GLN A 180 11.07 19.33 21.16
N GLN A 181 10.76 20.61 21.37
CA GLN A 181 9.36 20.99 21.60
C GLN A 181 8.93 21.97 20.50
N PHE A 182 7.88 21.59 19.78
CA PHE A 182 7.63 22.15 18.47
C PHE A 182 6.50 23.21 18.43
N ASP A 183 6.41 23.99 17.34
CA ASP A 183 5.26 24.90 17.13
C ASP A 183 4.09 23.98 17.30
N GLN A 184 2.95 24.44 17.79
CA GLN A 184 1.84 23.49 17.78
C GLN A 184 0.51 23.81 17.10
N ASN A 185 0.56 24.68 16.11
CA ASN A 185 -0.39 24.54 15.00
C ASN A 185 0.42 24.15 13.78
N ALA A 186 1.42 23.28 13.98
CA ALA A 186 2.37 22.84 12.93
C ALA A 186 1.67 22.35 11.68
N THR A 187 2.16 22.72 10.49
CA THR A 187 1.50 22.31 9.23
C THR A 187 2.35 21.40 8.30
N SER A 188 3.54 21.07 8.77
CA SER A 188 4.37 20.03 8.18
C SER A 188 5.15 19.29 9.28
N LEU A 189 5.26 17.97 9.13
CA LEU A 189 5.83 17.10 10.18
C LEU A 189 7.00 16.33 9.61
N MSE A 190 8.06 16.19 10.40
CA MSE A 190 9.17 15.38 9.98
C MSE A 190 9.26 14.15 10.87
O MSE A 190 9.12 14.26 12.11
CB MSE A 190 10.45 16.17 10.06
CG MSE A 190 11.65 15.49 9.42
SE MSE A 190 13.25 16.66 9.49
CE MSE A 190 12.47 18.26 8.76
N PHE A 191 9.39 12.99 10.23
CA PHE A 191 9.50 11.74 10.96
C PHE A 191 10.74 10.94 10.57
N LEU A 192 11.34 10.36 11.59
CA LEU A 192 12.29 9.29 11.44
C LEU A 192 11.58 7.93 11.53
N ILE A 193 11.78 7.04 10.55
CA ILE A 193 11.01 5.75 10.49
C ILE A 193 11.96 4.62 10.21
N THR A 194 12.10 3.73 11.17
CA THR A 194 13.14 2.74 11.17
C THR A 194 12.56 1.30 11.22
N PRO A 195 12.84 0.48 10.21
CA PRO A 195 12.39 -0.92 10.22
C PRO A 195 13.16 -1.73 11.23
N MSE A 196 12.48 -2.69 11.88
CA MSE A 196 13.13 -3.54 12.86
C MSE A 196 13.73 -4.76 12.17
O MSE A 196 14.77 -5.28 12.56
CB MSE A 196 12.15 -3.95 13.96
CG MSE A 196 11.56 -2.76 14.73
SE MSE A 196 12.91 -1.68 15.65
CE MSE A 196 11.73 -0.93 16.98
N HIS A 197 13.11 -5.17 11.09
CA HIS A 197 13.64 -6.32 10.37
C HIS A 197 13.77 -5.99 8.91
N ASP A 198 14.71 -6.64 8.24
CA ASP A 198 14.74 -6.54 6.80
C ASP A 198 13.58 -7.29 6.13
N LYS A 199 12.98 -6.62 5.18
CA LYS A 199 11.83 -7.13 4.45
C LYS A 199 12.03 -6.52 3.09
N PRO A 200 11.60 -7.21 2.03
CA PRO A 200 11.47 -6.53 0.72
C PRO A 200 10.50 -5.34 0.84
N GLY A 201 10.63 -4.34 -0.03
CA GLY A 201 9.67 -3.22 -0.14
C GLY A 201 9.24 -2.41 1.08
N LEU A 202 10.20 -2.09 1.95
CA LEU A 202 9.99 -1.26 3.14
C LEU A 202 9.64 0.21 2.86
N LEU A 203 10.36 0.83 1.95
CA LEU A 203 10.09 2.22 1.63
C LEU A 203 8.68 2.39 1.02
N ALA A 204 8.38 1.57 0.02
CA ALA A 204 7.01 1.54 -0.57
C ALA A 204 5.91 1.39 0.45
N SER A 205 6.07 0.44 1.36
CA SER A 205 5.24 0.34 2.57
C SER A 205 4.89 1.68 3.22
N VAL A 206 5.93 2.43 3.54
CA VAL A 206 5.83 3.71 4.20
C VAL A 206 5.08 4.66 3.29
N LEU A 207 5.54 4.80 2.07
CA LEU A 207 4.88 5.77 1.15
C LEU A 207 3.45 5.35 0.88
N ASN A 208 3.23 4.05 0.64
CA ASN A 208 1.84 3.59 0.44
C ASN A 208 0.97 3.94 1.64
N THR A 209 1.49 3.78 2.86
CA THR A 209 0.68 4.14 4.02
C THR A 209 0.25 5.62 4.04
N PHE A 210 1.13 6.57 3.69
CA PHE A 210 0.77 8.00 3.77
C PHE A 210 -0.25 8.35 2.68
N ALA A 211 -0.04 7.86 1.43
CA ALA A 211 -1.01 7.93 0.32
C ALA A 211 -2.46 7.50 0.62
N LEU A 212 -2.61 6.33 1.27
CA LEU A 212 -3.88 5.90 1.82
C LEU A 212 -4.72 7.02 2.43
N PHE A 213 -4.07 8.00 3.07
CA PHE A 213 -4.82 9.03 3.79
C PHE A 213 -4.64 10.32 3.09
N ASN A 214 -4.14 10.19 1.86
CA ASN A 214 -3.91 11.29 0.90
C ASN A 214 -3.04 12.41 1.45
N ILE A 215 -2.02 12.03 2.18
CA ILE A 215 -1.16 13.04 2.73
C ILE A 215 0.17 13.16 1.97
N ASN A 216 0.46 14.37 1.50
CA ASN A 216 1.67 14.60 0.66
C ASN A 216 2.96 14.45 1.48
N LEU A 217 3.99 13.84 0.90
CA LEU A 217 5.32 13.90 1.50
C LEU A 217 6.14 14.93 0.74
N SER A 218 6.60 15.97 1.39
CA SER A 218 7.39 16.93 0.59
C SER A 218 8.86 16.56 0.47
N TRP A 219 9.34 15.66 1.33
CA TRP A 219 10.74 15.25 1.37
C TRP A 219 10.83 13.84 1.87
N ILE A 220 11.55 13.01 1.10
CA ILE A 220 11.95 11.70 1.58
C ILE A 220 13.46 11.45 1.40
N GLU A 221 14.12 11.07 2.49
CA GLU A 221 15.52 10.83 2.57
C GLU A 221 15.69 9.42 3.20
N SER A 222 16.73 8.69 2.77
CA SER A 222 17.22 7.52 3.51
C SER A 222 18.67 7.63 4.04
N ARG A 223 18.94 6.91 5.12
CA ARG A 223 20.30 6.80 5.66
C ARG A 223 20.47 5.32 6.08
N PRO A 224 21.68 4.77 5.97
CA PRO A 224 21.95 3.40 6.36
C PRO A 224 21.99 3.29 7.90
N LEU A 225 21.61 2.15 8.44
CA LEU A 225 21.73 1.97 9.86
C LEU A 225 23.20 2.13 10.34
N LYS A 226 24.15 1.43 9.73
CA LYS A 226 25.57 1.64 10.10
C LYS A 226 26.04 0.70 11.24
N THR A 227 25.07 0.31 12.07
CA THR A 227 25.25 -0.73 13.09
C THR A 227 25.05 -2.12 12.46
N GLN A 228 24.33 -2.16 11.36
CA GLN A 228 24.21 -3.42 10.62
C GLN A 228 24.25 -3.16 9.15
N LEU A 229 24.85 -4.09 8.44
CA LEU A 229 24.87 -4.06 7.00
C LEU A 229 23.44 -4.26 6.50
N GLY A 230 23.12 -3.54 5.43
CA GLY A 230 21.90 -3.72 4.67
C GLY A 230 20.66 -2.95 5.12
N MSE A 231 20.67 -2.41 6.32
CA MSE A 231 19.46 -1.85 6.90
C MSE A 231 19.48 -0.31 6.72
O MSE A 231 20.54 0.30 6.66
CB MSE A 231 19.41 -2.17 8.40
CG MSE A 231 19.43 -3.63 8.80
SE MSE A 231 17.71 -4.44 8.51
CE MSE A 231 18.37 -5.31 6.91
N TYR A 232 18.29 0.31 6.72
CA TYR A 232 18.12 1.74 6.52
C TYR A 232 17.11 2.38 7.48
N ARG A 233 17.19 3.71 7.61
CA ARG A 233 16.07 4.41 8.16
C ARG A 233 15.61 5.53 7.22
N PHE A 234 14.39 6.01 7.43
CA PHE A 234 13.72 6.90 6.52
C PHE A 234 13.37 8.17 7.16
N PHE A 235 13.59 9.21 6.39
CA PHE A 235 13.24 10.56 6.78
C PHE A 235 12.17 11.02 5.80
N VAL A 236 11.13 11.54 6.40
CA VAL A 236 9.99 11.91 5.67
C VAL A 236 9.47 13.22 6.31
N GLN A 237 9.10 14.16 5.44
CA GLN A 237 8.40 15.38 5.85
C GLN A 237 6.95 15.38 5.28
N ALA A 238 5.93 15.55 6.11
CA ALA A 238 4.56 15.39 5.65
C ALA A 238 3.86 16.72 5.76
N ASP A 239 3.09 17.08 4.73
CA ASP A 239 2.24 18.30 4.78
C ASP A 239 0.95 17.96 5.48
N SER A 240 0.94 18.08 6.81
CA SER A 240 -0.22 17.84 7.61
C SER A 240 0.07 18.42 8.97
N ALA A 241 -0.98 18.78 9.70
CA ALA A 241 -0.94 19.03 11.15
C ALA A 241 -1.10 17.70 11.86
N ILE A 242 -0.86 17.66 13.17
CA ILE A 242 -1.04 16.42 13.88
C ILE A 242 -2.52 16.11 14.19
N THR A 243 -3.05 15.26 13.31
CA THR A 243 -4.43 14.91 13.15
C THR A 243 -4.62 13.41 13.39
N THR A 244 -5.86 12.96 13.18
CA THR A 244 -6.25 11.59 13.50
C THR A 244 -5.75 10.65 12.41
N ASP A 245 -5.86 11.11 11.16
CA ASP A 245 -5.22 10.47 10.00
C ASP A 245 -3.73 10.17 10.22
N ILE A 246 -2.99 11.17 10.72
CA ILE A 246 -1.60 11.00 11.04
C ILE A 246 -1.41 9.92 12.11
N LYS A 247 -2.26 9.93 13.15
CA LYS A 247 -2.15 8.90 14.21
C LYS A 247 -2.45 7.51 13.65
N LYS A 248 -3.34 7.47 12.67
CA LYS A 248 -3.59 6.24 11.93
C LYS A 248 -2.36 5.69 11.20
N VAL A 249 -1.55 6.57 10.57
CA VAL A 249 -0.44 6.05 9.77
C VAL A 249 0.68 5.55 10.64
N ILE A 250 0.90 6.24 11.75
CA ILE A 250 1.85 5.84 12.76
C ILE A 250 1.45 4.50 13.31
N ALA A 251 0.16 4.32 13.63
CA ALA A 251 -0.32 3.00 14.16
C ALA A 251 -0.08 1.89 13.16
N ILE A 252 -0.40 2.17 11.91
CA ILE A 252 -0.13 1.20 10.86
C ILE A 252 1.32 0.88 10.70
N LEU A 253 2.16 1.91 10.67
CA LEU A 253 3.59 1.72 10.55
C LEU A 253 4.17 0.91 11.73
N GLU A 254 3.73 1.23 12.94
CA GLU A 254 4.13 0.45 14.09
C GLU A 254 3.64 -0.97 14.02
N THR A 255 2.39 -1.20 13.60
CA THR A 255 1.91 -2.59 13.36
C THR A 255 2.87 -3.32 12.36
N LEU A 256 3.30 -2.60 11.32
CA LEU A 256 4.28 -3.11 10.35
C LEU A 256 5.69 -3.20 10.86
N ASP A 257 5.90 -2.98 12.16
CA ASP A 257 7.24 -3.08 12.76
C ASP A 257 8.26 -2.01 12.36
N PHE A 258 7.81 -0.79 12.16
CA PHE A 258 8.70 0.33 12.04
C PHE A 258 8.61 1.02 13.37
N LYS A 259 9.71 1.51 13.92
CA LYS A 259 9.52 2.57 14.91
C LYS A 259 9.47 3.97 14.29
N VAL A 260 8.62 4.82 14.86
CA VAL A 260 8.28 6.10 14.30
C VAL A 260 8.57 7.13 15.36
N GLU A 261 9.36 8.14 15.01
CA GLU A 261 9.53 9.26 15.92
C GLU A 261 9.57 10.58 15.19
N MSE A 262 8.79 11.54 15.69
CA MSE A 262 8.86 12.94 15.26
C MSE A 262 10.24 13.62 15.47
O MSE A 262 10.66 13.80 16.58
CB MSE A 262 7.73 13.68 15.97
CG MSE A 262 6.42 13.70 15.16
SE MSE A 262 5.15 15.22 15.37
CE MSE A 262 6.53 16.44 15.92
N ILE A 263 10.97 13.98 14.40
CA ILE A 263 12.26 14.66 14.55
C ILE A 263 12.24 16.19 14.26
N GLY A 264 11.03 16.66 13.96
CA GLY A 264 10.76 18.02 13.51
C GLY A 264 9.27 18.32 13.33
N ALA A 265 8.95 19.59 13.39
CA ALA A 265 7.56 20.04 13.22
C ALA A 265 7.51 21.57 13.10
N PHE A 266 6.87 22.08 12.07
CA PHE A 266 6.88 23.52 11.91
C PHE A 266 5.94 23.93 10.81
N ASN A 267 6.31 24.99 10.09
CA ASN A 267 5.50 25.61 9.04
C ASN A 267 6.30 25.91 7.78
N MSE B 4 -27.32 -36.32 15.69
CA MSE B 4 -26.51 -35.41 14.83
C MSE B 4 -27.25 -35.22 13.50
O MSE B 4 -26.88 -35.78 12.45
CB MSE B 4 -25.07 -35.97 14.66
CG MSE B 4 -24.18 -35.32 13.56
SE MSE B 4 -23.09 -33.75 14.03
CE MSE B 4 -22.40 -34.36 15.79
N GLN B 5 -28.34 -34.42 13.58
CA GLN B 5 -29.14 -33.97 12.44
C GLN B 5 -28.33 -33.15 11.40
N LEU B 6 -28.17 -33.70 10.19
CA LEU B 6 -27.46 -33.00 9.10
C LEU B 6 -28.46 -32.32 8.10
N TYR B 7 -28.71 -31.01 8.30
CA TYR B 7 -29.65 -30.24 7.45
C TYR B 7 -29.01 -29.81 6.14
N TYR B 8 -29.71 -30.01 5.00
CA TYR B 8 -29.18 -29.70 3.64
C TYR B 8 -30.34 -29.50 2.64
N LEU B 9 -30.04 -28.95 1.46
CA LEU B 9 -31.05 -28.76 0.38
C LEU B 9 -31.44 -30.02 -0.41
N GLY B 10 -32.72 -30.36 -0.29
CA GLY B 10 -33.25 -31.56 -0.91
C GLY B 10 -34.18 -31.26 -2.08
N PRO B 11 -34.64 -32.34 -2.76
CA PRO B 11 -34.77 -33.68 -2.17
C PRO B 11 -33.53 -34.55 -2.36
N LYS B 12 -33.60 -35.85 -2.08
CA LYS B 12 -32.50 -36.76 -2.39
C LYS B 12 -32.14 -36.60 -3.88
N GLY B 13 -30.85 -36.46 -4.19
CA GLY B 13 -30.40 -36.26 -5.56
C GLY B 13 -30.01 -34.85 -6.02
N THR B 14 -30.15 -33.85 -5.14
CA THR B 14 -29.58 -32.53 -5.42
C THR B 14 -28.06 -32.57 -5.25
N PHE B 15 -27.36 -31.59 -5.84
CA PHE B 15 -25.94 -31.30 -5.52
C PHE B 15 -25.61 -31.26 -4.01
N SER B 16 -26.42 -30.52 -3.23
CA SER B 16 -26.28 -30.47 -1.76
C SER B 16 -26.19 -31.86 -1.15
N TYR B 17 -27.19 -32.71 -1.42
CA TYR B 17 -27.22 -34.10 -0.99
C TYR B 17 -26.05 -34.97 -1.48
N LEU B 18 -25.69 -34.79 -2.75
CA LEU B 18 -24.54 -35.46 -3.33
C LEU B 18 -23.27 -35.14 -2.54
N ALA B 19 -23.03 -33.86 -2.26
CA ALA B 19 -21.86 -33.42 -1.44
C ALA B 19 -21.90 -33.85 0.03
N CYS B 20 -23.08 -33.82 0.63
CA CYS B 20 -23.29 -34.47 1.92
C CYS B 20 -22.72 -35.88 1.84
N ARG B 21 -23.29 -36.68 0.93
CA ARG B 21 -22.97 -38.11 0.76
C ARG B 21 -21.54 -38.45 0.27
N GLN B 22 -21.17 -37.94 -0.89
CA GLN B 22 -19.94 -38.35 -1.59
C GLN B 22 -18.68 -37.91 -0.83
N TYR B 23 -18.79 -36.86 -0.04
CA TYR B 23 -17.66 -36.36 0.74
C TYR B 23 -17.52 -37.07 2.10
N PHE B 24 -18.37 -36.71 3.07
CA PHE B 24 -18.19 -37.21 4.43
C PHE B 24 -19.13 -38.38 4.76
N SER B 25 -19.36 -39.22 3.74
CA SER B 25 -20.12 -40.47 3.84
C SER B 25 -20.34 -40.99 5.27
N ALA B 29 -24.90 -38.93 11.75
CA ALA B 29 -25.20 -38.60 10.36
C ALA B 29 -26.68 -38.84 9.97
N THR B 30 -27.60 -38.22 10.70
CA THR B 30 -29.07 -38.26 10.39
C THR B 30 -29.54 -37.17 9.39
N PHE B 31 -29.62 -37.53 8.11
CA PHE B 31 -29.99 -36.59 7.05
C PHE B 31 -31.36 -35.91 7.22
N GLN B 32 -31.41 -34.57 7.18
CA GLN B 32 -32.72 -33.89 7.22
C GLN B 32 -32.92 -32.94 6.03
N PRO B 33 -33.37 -33.47 4.89
CA PRO B 33 -33.58 -32.66 3.68
C PRO B 33 -34.45 -31.41 3.96
N LYS B 34 -34.12 -30.28 3.35
CA LYS B 34 -35.03 -29.13 3.46
C LYS B 34 -35.38 -28.66 2.09
N SER B 35 -36.53 -27.97 1.98
CA SER B 35 -37.12 -27.54 0.70
C SER B 35 -36.37 -26.40 -0.04
N ASN B 36 -35.72 -25.53 0.73
CA ASN B 36 -34.73 -24.60 0.20
C ASN B 36 -33.90 -24.07 1.38
N LEU B 37 -33.04 -23.11 1.10
CA LEU B 37 -31.94 -22.79 1.98
C LEU B 37 -32.29 -21.97 3.23
N PHE B 38 -33.27 -21.08 3.13
CA PHE B 38 -33.70 -20.28 4.26
C PHE B 38 -34.05 -21.22 5.43
N GLU B 39 -34.79 -22.26 5.06
CA GLU B 39 -35.25 -23.33 5.93
C GLU B 39 -34.08 -24.18 6.46
N VAL B 40 -33.04 -24.42 5.65
CA VAL B 40 -31.89 -25.10 6.24
C VAL B 40 -31.02 -24.25 7.17
N ILE B 41 -30.89 -22.95 6.89
CA ILE B 41 -30.14 -22.07 7.78
C ILE B 41 -30.88 -21.88 9.12
N LYS B 42 -32.19 -21.80 9.06
CA LYS B 42 -32.95 -21.57 10.25
C LYS B 42 -32.67 -22.75 11.17
N ALA B 43 -33.05 -23.94 10.72
CA ALA B 43 -32.87 -25.18 11.47
C ALA B 43 -31.51 -25.24 12.20
N VAL B 44 -30.42 -25.11 11.44
CA VAL B 44 -29.06 -25.06 11.98
C VAL B 44 -28.94 -24.00 13.07
N ALA B 45 -29.30 -22.77 12.73
CA ALA B 45 -29.36 -21.69 13.71
C ALA B 45 -30.55 -21.90 14.62
N ASP B 48 -31.49 -25.43 16.99
CA ASP B 48 -30.92 -26.68 17.51
C ASP B 48 -29.46 -26.83 17.08
N THR B 49 -28.59 -27.12 18.07
CA THR B 49 -27.14 -27.24 17.88
C THR B 49 -26.76 -28.43 17.00
N SER B 50 -27.04 -28.26 15.70
CA SER B 50 -26.91 -29.30 14.66
C SER B 50 -25.90 -28.91 13.56
N ILE B 51 -25.86 -29.70 12.50
CA ILE B 51 -25.00 -29.43 11.34
C ILE B 51 -25.75 -29.08 10.00
N GLY B 52 -25.09 -28.30 9.16
CA GLY B 52 -25.63 -27.93 7.85
C GLY B 52 -24.63 -27.98 6.71
N VAL B 53 -25.10 -28.43 5.54
CA VAL B 53 -24.32 -28.33 4.32
C VAL B 53 -25.07 -27.41 3.35
N VAL B 54 -24.32 -26.54 2.68
CA VAL B 54 -24.91 -25.41 2.01
C VAL B 54 -23.86 -24.79 1.07
N PRO B 55 -24.27 -24.46 -0.18
CA PRO B 55 -23.33 -23.90 -1.17
C PRO B 55 -23.01 -22.41 -0.98
N ILE B 56 -21.77 -22.05 -1.34
CA ILE B 56 -21.29 -20.64 -1.38
C ILE B 56 -20.82 -20.14 -2.76
N GLU B 57 -20.10 -20.99 -3.51
CA GLU B 57 -19.53 -20.55 -4.79
C GLU B 57 -20.14 -21.23 -6.01
N ASN B 58 -20.80 -20.45 -6.85
CA ASN B 58 -21.14 -20.89 -8.20
C ASN B 58 -22.09 -22.11 -8.21
N SER B 59 -23.34 -21.90 -7.79
CA SER B 59 -24.38 -22.96 -7.77
C SER B 59 -25.48 -22.83 -8.86
N ILE B 60 -26.09 -23.98 -9.19
CA ILE B 60 -26.96 -24.15 -10.36
C ILE B 60 -28.46 -24.15 -9.99
N ILE B 64 -27.79 -18.25 -2.11
CA ILE B 64 -26.50 -17.90 -1.49
C ILE B 64 -26.43 -16.49 -0.89
N ASN B 65 -27.17 -15.54 -1.48
CA ASN B 65 -27.42 -14.25 -0.82
C ASN B 65 -27.74 -14.54 0.64
N ILE B 66 -28.88 -15.19 0.83
CA ILE B 66 -29.31 -15.94 2.02
C ILE B 66 -28.23 -16.57 2.93
N VAL B 67 -27.23 -17.24 2.34
CA VAL B 67 -26.18 -17.94 3.10
C VAL B 67 -25.15 -16.94 3.63
N ALA B 68 -24.51 -16.22 2.70
CA ALA B 68 -23.60 -15.14 3.03
C ALA B 68 -24.23 -14.25 4.07
N ASP B 69 -25.53 -14.00 3.90
CA ASP B 69 -26.25 -13.12 4.78
C ASP B 69 -26.36 -13.64 6.22
N ALA B 70 -26.72 -14.91 6.40
CA ALA B 70 -26.79 -15.50 7.75
C ALA B 70 -25.42 -15.61 8.41
N LEU B 71 -24.41 -15.85 7.58
CA LEU B 71 -23.03 -15.89 8.04
C LEU B 71 -22.66 -14.53 8.66
N ALA B 72 -23.13 -13.46 8.01
CA ALA B 72 -22.98 -12.10 8.47
C ALA B 72 -23.78 -11.75 9.74
N GLN B 73 -24.95 -12.36 9.88
CA GLN B 73 -25.81 -12.16 11.07
C GLN B 73 -25.26 -12.85 12.31
N GLN B 74 -24.21 -13.64 12.13
CA GLN B 74 -23.59 -14.48 13.17
C GLN B 74 -24.60 -15.55 13.64
N ASP B 75 -25.58 -15.86 12.81
CA ASP B 75 -26.61 -16.86 13.16
C ASP B 75 -26.08 -18.29 12.97
N VAL B 76 -24.97 -18.37 12.25
CA VAL B 76 -24.42 -19.56 11.64
C VAL B 76 -22.92 -19.28 11.38
N PHE B 77 -22.07 -20.30 11.51
CA PHE B 77 -20.61 -20.20 11.30
C PHE B 77 -20.07 -21.41 10.55
N ALA B 78 -19.04 -21.19 9.74
CA ALA B 78 -18.51 -22.21 8.83
C ALA B 78 -17.33 -23.00 9.39
N HIS B 79 -17.50 -24.32 9.54
CA HIS B 79 -16.42 -25.17 10.09
C HIS B 79 -15.79 -26.12 9.10
N GLY B 80 -16.27 -26.10 7.87
CA GLY B 80 -15.74 -27.00 6.86
C GLY B 80 -16.12 -26.66 5.43
N GLU B 81 -15.39 -27.26 4.52
CA GLU B 81 -15.58 -26.98 3.10
C GLU B 81 -15.68 -28.30 2.35
N ILE B 82 -16.48 -28.29 1.30
CA ILE B 82 -16.63 -29.42 0.40
C ILE B 82 -16.82 -28.87 -1.02
N ARG B 83 -16.03 -29.40 -1.95
CA ARG B 83 -16.03 -28.89 -3.31
C ARG B 83 -16.64 -29.95 -4.20
N LEU B 84 -17.76 -29.62 -4.84
CA LEU B 84 -18.46 -30.62 -5.66
C LEU B 84 -18.04 -30.55 -7.11
N ASP B 85 -17.64 -31.72 -7.61
CA ASP B 85 -17.42 -31.93 -9.01
C ASP B 85 -18.78 -31.91 -9.71
N ILE B 86 -19.10 -30.75 -10.30
CA ILE B 86 -20.28 -30.59 -11.12
C ILE B 86 -20.12 -31.55 -12.28
N ASN B 87 -21.25 -32.10 -12.72
CA ASN B 87 -21.33 -33.30 -13.53
C ASN B 87 -22.81 -33.48 -13.80
N PHE B 88 -23.11 -33.66 -15.07
CA PHE B 88 -24.44 -33.91 -15.48
C PHE B 88 -24.43 -35.23 -16.20
N ALA B 89 -25.51 -35.99 -16.02
CA ALA B 89 -25.72 -37.24 -16.71
C ALA B 89 -26.96 -37.13 -17.62
N LEU B 90 -27.11 -38.15 -18.47
CA LEU B 90 -28.29 -38.30 -19.32
C LEU B 90 -29.01 -39.60 -18.92
N TYR B 91 -30.25 -39.47 -18.51
CA TYR B 91 -30.99 -40.59 -18.00
C TYR B 91 -32.09 -40.96 -18.96
N GLY B 92 -32.15 -42.25 -19.30
CA GLY B 92 -33.15 -42.77 -20.22
C GLY B 92 -34.10 -43.69 -19.51
N ASN B 93 -34.92 -44.36 -20.31
CA ASN B 93 -35.96 -45.31 -19.83
C ASN B 93 -35.49 -46.79 -19.65
N GLY B 94 -34.19 -47.04 -19.79
CA GLY B 94 -33.67 -48.39 -19.67
C GLY B 94 -33.37 -49.01 -21.03
N THR B 95 -32.12 -48.86 -21.42
CA THR B 95 -31.60 -49.25 -22.76
C THR B 95 -32.40 -48.77 -23.99
N ASP B 96 -33.00 -47.57 -23.87
CA ASP B 96 -32.92 -46.60 -24.96
C ASP B 96 -31.41 -46.32 -24.99
N SER B 97 -30.81 -46.48 -26.17
CA SER B 97 -29.40 -46.19 -26.36
C SER B 97 -29.34 -44.66 -26.56
N ILE B 98 -28.15 -44.08 -26.50
CA ILE B 98 -28.04 -42.62 -26.69
C ILE B 98 -28.58 -42.17 -28.06
N SER B 99 -28.31 -42.94 -29.11
CA SER B 99 -28.76 -42.60 -30.46
C SER B 99 -30.27 -42.63 -30.66
N ASP B 100 -31.00 -43.26 -29.72
CA ASP B 100 -32.48 -43.21 -29.71
C ASP B 100 -33.10 -41.94 -29.07
N ILE B 101 -32.30 -41.18 -28.35
CA ILE B 101 -32.78 -39.95 -27.74
C ILE B 101 -33.11 -38.87 -28.82
N LYS B 102 -34.40 -38.54 -28.92
CA LYS B 102 -34.93 -37.51 -29.80
C LYS B 102 -34.99 -36.17 -29.06
N LYS B 103 -35.36 -36.20 -27.79
CA LYS B 103 -35.68 -34.99 -27.02
C LYS B 103 -35.18 -35.11 -25.58
N VAL B 104 -34.82 -33.97 -24.98
CA VAL B 104 -34.36 -33.94 -23.60
C VAL B 104 -35.09 -32.87 -22.78
N TYR B 105 -35.05 -33.03 -21.46
CA TYR B 105 -35.79 -32.17 -20.58
C TYR B 105 -34.93 -31.96 -19.35
N SER B 106 -34.79 -30.70 -18.94
CA SER B 106 -33.91 -30.30 -17.84
C SER B 106 -34.26 -28.87 -17.42
N ILE B 107 -33.80 -28.44 -16.24
CA ILE B 107 -33.99 -27.03 -15.82
C ILE B 107 -33.06 -26.11 -16.64
N ALA B 108 -33.35 -24.81 -16.62
CA ALA B 108 -32.68 -23.87 -17.53
C ALA B 108 -31.15 -23.74 -17.35
N PRO B 109 -30.69 -23.68 -16.08
CA PRO B 109 -29.26 -23.49 -15.83
C PRO B 109 -28.40 -24.70 -16.30
N ALA B 110 -29.03 -25.87 -16.35
CA ALA B 110 -28.39 -27.12 -16.74
C ALA B 110 -28.35 -27.29 -18.26
N ILE B 111 -29.25 -26.60 -18.96
CA ILE B 111 -29.36 -26.67 -20.41
C ILE B 111 -28.18 -25.87 -20.93
N SER B 112 -27.85 -24.80 -20.21
CA SER B 112 -26.74 -23.92 -20.56
C SER B 112 -25.41 -24.55 -20.22
N GLN B 113 -25.37 -25.36 -19.18
CA GLN B 113 -24.18 -26.10 -18.79
C GLN B 113 -23.83 -27.11 -19.85
N THR B 114 -24.86 -27.62 -20.51
CA THR B 114 -24.75 -28.72 -21.47
C THR B 114 -25.23 -28.36 -22.91
N THR B 115 -25.28 -27.07 -23.22
CA THR B 115 -25.82 -26.66 -24.51
C THR B 115 -25.07 -27.29 -25.71
N ASN B 116 -23.76 -27.55 -25.59
CA ASN B 116 -23.00 -28.14 -26.70
C ASN B 116 -23.32 -29.62 -26.89
N TYR B 117 -23.50 -30.33 -25.78
CA TYR B 117 -23.95 -31.71 -25.79
C TYR B 117 -25.31 -31.85 -26.50
N ILE B 118 -26.25 -30.98 -26.17
CA ILE B 118 -27.51 -30.86 -26.90
C ILE B 118 -27.29 -30.69 -28.43
N HIS B 119 -26.24 -29.93 -28.78
CA HIS B 119 -26.00 -29.57 -30.18
C HIS B 119 -25.24 -30.65 -30.94
N GLN B 120 -24.18 -31.21 -30.33
CA GLN B 120 -23.43 -32.32 -30.93
C GLN B 120 -24.44 -33.33 -31.47
N HIS B 121 -25.48 -33.56 -30.67
CA HIS B 121 -26.45 -34.63 -30.89
C HIS B 121 -27.76 -34.14 -31.53
N GLN B 122 -27.93 -32.82 -31.66
CA GLN B 122 -29.14 -32.23 -32.28
C GLN B 122 -30.42 -32.77 -31.61
N PHE B 123 -30.42 -32.72 -30.28
CA PHE B 123 -31.61 -32.99 -29.50
C PHE B 123 -32.54 -31.78 -29.56
N ASP B 124 -33.84 -32.06 -29.65
CA ASP B 124 -34.85 -31.09 -29.26
C ASP B 124 -34.79 -31.02 -27.73
N TYR B 125 -35.26 -29.91 -27.15
CA TYR B 125 -35.15 -29.69 -25.73
C TYR B 125 -36.20 -28.70 -25.24
N ASP B 126 -36.72 -28.90 -24.03
CA ASP B 126 -37.34 -27.78 -23.29
C ASP B 126 -37.29 -27.96 -21.77
N TYR B 127 -37.91 -27.00 -21.08
CA TYR B 127 -37.60 -26.72 -19.68
C TYR B 127 -38.64 -27.25 -18.76
N VAL B 128 -38.19 -27.38 -17.53
CA VAL B 128 -38.89 -28.07 -16.53
C VAL B 128 -38.49 -27.36 -15.24
N ASP B 129 -39.42 -27.31 -14.30
CA ASP B 129 -39.19 -26.61 -13.03
C ASP B 129 -38.17 -27.30 -12.16
N SER B 130 -37.97 -28.61 -12.38
CA SER B 130 -37.27 -29.47 -11.44
C SER B 130 -36.45 -30.58 -12.11
N THR B 131 -35.47 -31.14 -11.41
CA THR B 131 -34.89 -32.40 -11.90
C THR B 131 -35.91 -33.54 -11.71
N ILE B 132 -36.66 -33.48 -10.63
CA ILE B 132 -37.75 -34.41 -10.41
C ILE B 132 -38.68 -34.51 -11.64
N GLN B 133 -39.22 -33.35 -12.05
CA GLN B 133 -39.99 -33.21 -13.28
C GLN B 133 -39.28 -33.67 -14.59
N SER B 134 -38.00 -33.35 -14.76
CA SER B 134 -37.16 -34.01 -15.76
C SER B 134 -37.36 -35.52 -15.77
N LEU B 135 -37.25 -36.15 -14.62
CA LEU B 135 -37.36 -37.61 -14.61
C LEU B 135 -38.76 -38.06 -15.10
N THR B 136 -39.77 -37.28 -14.76
CA THR B 136 -41.18 -37.52 -15.15
C THR B 136 -41.39 -37.65 -16.64
N LYS B 137 -40.61 -36.88 -17.38
CA LYS B 137 -40.75 -36.80 -18.81
C LYS B 137 -40.10 -37.98 -19.53
N ILE B 138 -39.23 -38.74 -18.83
CA ILE B 138 -38.58 -39.88 -19.44
C ILE B 138 -39.59 -40.82 -20.11
N GLU B 139 -39.41 -41.07 -21.41
CA GLU B 139 -40.15 -42.15 -22.13
C GLU B 139 -39.35 -42.51 -23.36
N ASN B 140 -39.91 -43.38 -24.21
CA ASN B 140 -39.26 -43.69 -25.47
C ASN B 140 -38.88 -42.37 -26.20
N GLY B 141 -37.61 -42.25 -26.54
CA GLY B 141 -37.06 -41.09 -27.28
C GLY B 141 -36.91 -39.82 -26.45
N VAL B 142 -37.13 -39.90 -25.14
CA VAL B 142 -37.03 -38.76 -24.22
C VAL B 142 -36.06 -39.06 -23.07
N ALA B 143 -35.12 -38.15 -22.86
CA ALA B 143 -34.10 -38.24 -21.78
C ALA B 143 -34.06 -36.97 -20.92
N ALA B 144 -33.70 -37.15 -19.64
CA ALA B 144 -33.56 -36.03 -18.72
C ALA B 144 -32.10 -35.79 -18.40
N ILE B 145 -31.68 -34.54 -18.58
CA ILE B 145 -30.37 -34.05 -18.18
C ILE B 145 -30.48 -33.63 -16.73
N ALA B 146 -29.68 -34.27 -15.88
CA ALA B 146 -29.70 -33.99 -14.47
C ALA B 146 -28.34 -34.37 -13.87
N PRO B 147 -28.08 -33.97 -12.62
CA PRO B 147 -26.78 -34.31 -11.97
C PRO B 147 -26.55 -35.82 -11.76
N LEU B 148 -25.31 -36.25 -11.92
CA LEU B 148 -24.96 -37.65 -11.81
C LEU B 148 -25.08 -38.02 -10.35
N GLY B 149 -25.59 -39.22 -10.10
CA GLY B 149 -25.80 -39.74 -8.75
C GLY B 149 -27.20 -39.44 -8.27
N SER B 150 -28.03 -38.84 -9.15
CA SER B 150 -29.32 -38.25 -8.79
C SER B 150 -30.59 -38.92 -9.39
N GLY B 151 -30.50 -39.40 -10.64
CA GLY B 151 -31.59 -40.18 -11.26
C GLY B 151 -31.73 -41.57 -10.63
N GLU B 152 -30.63 -42.02 -10.05
CA GLU B 152 -30.55 -43.34 -9.43
C GLU B 152 -31.18 -43.35 -8.06
N ALA B 153 -31.41 -42.17 -7.46
CA ALA B 153 -32.18 -42.12 -6.22
C ALA B 153 -33.61 -42.62 -6.50
N TYR B 154 -34.10 -42.33 -7.69
CA TYR B 154 -35.43 -42.76 -8.10
C TYR B 154 -35.37 -43.81 -9.25
N GLY B 155 -34.40 -44.74 -9.16
CA GLY B 155 -34.28 -45.97 -10.02
C GLY B 155 -33.96 -45.84 -11.51
N PHE B 156 -33.43 -44.69 -11.92
CA PHE B 156 -33.09 -44.37 -13.32
C PHE B 156 -31.60 -44.54 -13.60
N THR B 157 -31.23 -45.01 -14.80
CA THR B 157 -29.81 -45.29 -15.18
C THR B 157 -29.30 -44.40 -16.32
N PRO B 158 -28.15 -43.74 -16.10
CA PRO B 158 -27.61 -42.84 -17.12
C PRO B 158 -27.39 -43.46 -18.51
N ILE B 159 -27.69 -42.68 -19.53
CA ILE B 159 -27.38 -43.02 -20.93
C ILE B 159 -25.93 -42.62 -21.24
N ASP B 160 -25.44 -41.64 -20.49
CA ASP B 160 -24.10 -41.11 -20.66
C ASP B 160 -23.86 -40.20 -19.44
N THR B 161 -22.62 -39.78 -19.22
CA THR B 161 -22.26 -39.07 -18.00
C THR B 161 -21.05 -38.21 -18.34
N HIS B 162 -20.84 -37.14 -17.55
CA HIS B 162 -19.90 -36.03 -17.89
C HIS B 162 -20.34 -35.31 -19.15
N ILE B 163 -21.57 -34.82 -19.08
CA ILE B 163 -22.34 -34.36 -20.23
C ILE B 163 -22.11 -32.86 -20.45
N GLU B 164 -21.82 -32.15 -19.36
CA GLU B 164 -21.55 -30.71 -19.39
C GLU B 164 -20.43 -30.23 -20.35
N ASP B 165 -20.68 -29.09 -20.98
CA ASP B 165 -19.82 -28.48 -21.98
C ASP B 165 -18.40 -28.21 -21.49
N TYR B 166 -18.25 -27.70 -20.28
CA TYR B 166 -16.93 -27.39 -19.74
C TYR B 166 -16.48 -28.36 -18.65
N PRO B 167 -15.17 -28.67 -18.61
CA PRO B 167 -14.71 -29.93 -18.01
C PRO B 167 -14.61 -29.94 -16.47
N HIS B 168 -14.11 -28.86 -15.88
CA HIS B 168 -14.02 -28.77 -14.42
C HIS B 168 -14.71 -27.52 -13.85
N ASN B 169 -16.04 -27.53 -13.98
CA ASN B 169 -16.92 -26.65 -13.24
C ASN B 169 -17.05 -27.23 -11.85
N VAL B 170 -16.98 -26.38 -10.84
CA VAL B 170 -17.10 -26.80 -9.45
C VAL B 170 -17.96 -25.82 -8.63
N THR B 171 -18.78 -26.42 -7.76
CA THR B 171 -19.50 -25.70 -6.72
C THR B 171 -18.77 -26.02 -5.41
N ARG B 172 -18.77 -25.03 -4.51
CA ARG B 172 -18.15 -25.12 -3.20
C ARG B 172 -19.23 -25.02 -2.10
N PHE B 173 -19.16 -25.93 -1.13
CA PHE B 173 -20.14 -26.02 -0.05
C PHE B 173 -19.48 -25.81 1.30
N LEU B 174 -20.14 -25.06 2.18
CA LEU B 174 -19.73 -24.90 3.58
C LEU B 174 -20.47 -25.82 4.52
N VAL B 175 -19.72 -26.36 5.47
CA VAL B 175 -20.29 -26.99 6.67
C VAL B 175 -20.59 -25.92 7.73
N ILE B 176 -21.85 -25.75 8.10
CA ILE B 176 -22.26 -24.66 9.01
C ILE B 176 -22.77 -25.14 10.38
N LYS B 177 -22.64 -24.29 11.40
CA LYS B 177 -23.12 -24.56 12.79
C LYS B 177 -23.62 -23.30 13.52
N ASN B 178 -24.42 -23.45 14.59
CA ASN B 178 -24.64 -22.33 15.51
C ASN B 178 -23.63 -22.29 16.68
N GLN B 179 -22.35 -22.32 16.33
CA GLN B 179 -21.26 -22.50 17.30
C GLN B 179 -20.04 -21.74 16.81
N GLN B 180 -19.60 -20.72 17.56
CA GLN B 180 -18.34 -20.04 17.23
C GLN B 180 -17.20 -20.73 17.98
N GLN B 181 -16.84 -21.91 17.51
CA GLN B 181 -15.97 -22.81 18.28
C GLN B 181 -14.69 -23.20 17.53
N PHE B 182 -14.25 -22.33 16.62
CA PHE B 182 -13.13 -22.65 15.72
C PHE B 182 -11.88 -23.17 16.44
N ASN B 185 -5.77 -24.19 15.01
CA ASN B 185 -5.28 -25.32 14.22
C ASN B 185 -5.88 -25.36 12.81
N ALA B 186 -6.83 -24.45 12.57
CA ALA B 186 -7.35 -24.11 11.24
C ALA B 186 -6.25 -23.61 10.32
N THR B 187 -6.36 -23.91 9.03
CA THR B 187 -5.36 -23.46 8.02
C THR B 187 -6.02 -22.80 6.78
N SER B 188 -7.29 -22.45 6.92
CA SER B 188 -7.98 -21.56 6.00
C SER B 188 -8.87 -20.69 6.89
N LEU B 189 -9.01 -19.39 6.57
CA LEU B 189 -9.81 -18.49 7.42
C LEU B 189 -10.75 -17.61 6.64
N MSE B 190 -11.98 -17.50 7.11
CA MSE B 190 -13.01 -16.74 6.41
C MSE B 190 -13.39 -15.50 7.21
O MSE B 190 -13.76 -15.60 8.39
CB MSE B 190 -14.25 -17.60 6.12
CG MSE B 190 -15.15 -17.08 4.99
SE MSE B 190 -16.71 -18.24 4.67
CE MSE B 190 -15.74 -19.91 4.37
N PHE B 191 -13.31 -14.35 6.56
CA PHE B 191 -13.59 -13.07 7.21
C PHE B 191 -14.71 -12.28 6.53
N LEU B 192 -15.53 -11.68 7.37
CA LEU B 192 -16.44 -10.61 6.94
C LEU B 192 -15.77 -9.32 7.31
N ILE B 193 -15.58 -8.45 6.33
CA ILE B 193 -14.87 -7.19 6.53
C ILE B 193 -15.84 -6.10 6.05
N THR B 194 -16.28 -5.23 6.96
CA THR B 194 -17.34 -4.27 6.66
C THR B 194 -16.82 -2.87 6.82
N PRO B 195 -16.93 -2.06 5.77
CA PRO B 195 -16.56 -0.66 5.92
C PRO B 195 -17.54 0.17 6.78
N MSE B 196 -16.99 0.98 7.67
CA MSE B 196 -17.75 1.86 8.54
C MSE B 196 -18.07 3.17 7.81
O MSE B 196 -19.01 3.88 8.16
CB MSE B 196 -16.97 2.12 9.84
CG MSE B 196 -17.73 1.77 11.13
SE MSE B 196 -18.52 -0.03 11.19
CE MSE B 196 -18.95 -0.15 13.11
N HIS B 197 -17.28 3.51 6.78
CA HIS B 197 -17.70 4.56 5.87
C HIS B 197 -17.35 4.40 4.38
N ASP B 198 -18.09 5.12 3.51
CA ASP B 198 -17.76 5.15 2.09
C ASP B 198 -16.60 6.10 1.73
N LYS B 199 -15.64 5.54 0.98
CA LYS B 199 -14.57 6.28 0.33
C LYS B 199 -14.08 5.46 -0.89
N PRO B 200 -13.27 6.10 -1.76
CA PRO B 200 -12.76 5.30 -2.88
C PRO B 200 -11.85 4.16 -2.40
N GLY B 201 -11.92 3.02 -3.09
CA GLY B 201 -10.91 1.97 -3.00
C GLY B 201 -10.95 1.12 -1.74
N LEU B 202 -12.11 1.02 -1.12
CA LEU B 202 -12.23 0.18 0.08
C LEU B 202 -11.81 -1.27 -0.18
N LEU B 203 -12.29 -1.92 -1.26
CA LEU B 203 -11.88 -3.30 -1.53
C LEU B 203 -10.37 -3.37 -1.71
N ALA B 204 -9.83 -2.46 -2.53
CA ALA B 204 -8.36 -2.29 -2.68
C ALA B 204 -7.59 -2.28 -1.35
N SER B 205 -7.92 -1.35 -0.44
CA SER B 205 -7.40 -1.40 0.97
C SER B 205 -7.20 -2.81 1.47
N VAL B 206 -8.27 -3.60 1.36
CA VAL B 206 -8.37 -4.90 2.00
C VAL B 206 -7.40 -5.89 1.34
N LEU B 207 -7.49 -5.98 0.02
CA LEU B 207 -6.66 -6.90 -0.75
C LEU B 207 -5.17 -6.57 -0.54
N ASN B 208 -4.86 -5.27 -0.56
CA ASN B 208 -3.49 -4.79 -0.33
C ASN B 208 -2.90 -5.11 1.05
N THR B 209 -3.73 -5.07 2.08
CA THR B 209 -3.30 -5.43 3.40
C THR B 209 -2.89 -6.91 3.54
N PHE B 210 -3.67 -7.83 2.99
CA PHE B 210 -3.28 -9.25 2.90
C PHE B 210 -2.06 -9.50 2.03
N ALA B 211 -1.96 -8.77 0.93
CA ALA B 211 -0.83 -8.93 0.00
C ALA B 211 0.52 -8.38 0.55
N LEU B 212 0.46 -7.51 1.56
CA LEU B 212 1.63 -7.06 2.29
C LEU B 212 2.29 -8.26 2.89
N PHE B 213 1.45 -9.10 3.48
CA PHE B 213 1.89 -10.23 4.25
C PHE B 213 2.03 -11.50 3.42
N ASN B 214 1.88 -11.33 2.09
CA ASN B 214 1.68 -12.45 1.15
C ASN B 214 0.64 -13.52 1.56
N ILE B 215 -0.52 -13.11 2.09
CA ILE B 215 -1.60 -14.05 2.46
C ILE B 215 -2.59 -14.27 1.32
N ASN B 216 -2.40 -15.38 0.58
CA ASN B 216 -3.19 -15.68 -0.63
C ASN B 216 -4.67 -15.85 -0.30
N LEU B 217 -5.48 -15.11 -1.05
CA LEU B 217 -6.91 -15.15 -0.87
C LEU B 217 -7.51 -16.03 -1.96
N SER B 218 -8.01 -17.19 -1.54
CA SER B 218 -8.62 -18.17 -2.45
C SER B 218 -10.00 -17.73 -2.94
N TRP B 219 -10.71 -16.96 -2.12
CA TRP B 219 -12.04 -16.52 -2.46
C TRP B 219 -12.35 -15.15 -1.89
N ILE B 220 -12.98 -14.32 -2.72
CA ILE B 220 -13.41 -12.98 -2.31
C ILE B 220 -14.72 -12.55 -2.99
N GLU B 221 -15.61 -11.94 -2.21
CA GLU B 221 -16.97 -11.65 -2.60
C GLU B 221 -17.46 -10.31 -2.02
N SER B 222 -18.16 -9.51 -2.83
CA SER B 222 -18.76 -8.26 -2.35
C SER B 222 -20.26 -8.40 -2.26
N ARG B 223 -20.86 -7.84 -1.21
CA ARG B 223 -22.34 -7.80 -1.02
C ARG B 223 -22.83 -6.54 -0.26
N PRO B 224 -24.00 -5.96 -0.66
CA PRO B 224 -24.49 -4.70 -0.09
C PRO B 224 -24.87 -4.71 1.39
N GLY B 230 -25.61 2.28 -2.10
CA GLY B 230 -24.70 1.40 -2.83
C GLY B 230 -23.27 1.28 -2.26
N MSE B 231 -23.19 0.92 -0.98
CA MSE B 231 -21.97 0.38 -0.37
C MSE B 231 -21.94 -1.15 -0.41
O MSE B 231 -22.96 -1.79 -0.75
CB MSE B 231 -21.90 0.87 1.07
CG MSE B 231 -21.81 2.39 1.18
SE MSE B 231 -21.05 2.92 2.90
CE MSE B 231 -19.38 1.90 2.78
N TYR B 232 -20.79 -1.74 -0.07
CA TYR B 232 -20.61 -3.20 -0.05
C TYR B 232 -19.84 -3.68 1.16
N ARG B 233 -20.15 -4.86 1.68
CA ARG B 233 -19.23 -5.51 2.64
C ARG B 233 -18.56 -6.74 2.04
N PHE B 234 -17.46 -7.18 2.64
CA PHE B 234 -16.56 -8.10 1.94
C PHE B 234 -16.35 -9.45 2.61
N PHE B 235 -16.45 -10.46 1.77
CA PHE B 235 -16.32 -11.85 2.18
C PHE B 235 -15.01 -12.30 1.60
N VAL B 236 -14.08 -12.64 2.48
CA VAL B 236 -12.76 -13.04 2.03
C VAL B 236 -12.38 -14.36 2.72
N GLN B 237 -11.66 -15.20 1.99
CA GLN B 237 -11.10 -16.42 2.57
C GLN B 237 -9.61 -16.53 2.26
N ALA B 238 -8.85 -16.78 3.32
CA ALA B 238 -7.39 -16.73 3.26
C ALA B 238 -6.81 -18.11 3.53
N ASP B 239 -5.90 -18.54 2.65
CA ASP B 239 -5.03 -19.70 2.91
C ASP B 239 -3.94 -19.30 3.92
N SER B 240 -4.26 -19.44 5.21
CA SER B 240 -3.30 -19.33 6.29
C SER B 240 -3.97 -19.57 7.64
N ALA B 241 -3.16 -19.95 8.62
CA ALA B 241 -3.63 -20.32 9.94
C ALA B 241 -3.95 -19.07 10.74
N ILE B 242 -4.36 -19.21 12.00
CA ILE B 242 -4.29 -18.06 12.90
C ILE B 242 -2.80 -17.84 13.18
N THR B 243 -2.25 -16.82 12.52
CA THR B 243 -0.87 -16.42 12.68
C THR B 243 -0.79 -14.96 13.14
N THR B 244 0.39 -14.61 13.62
CA THR B 244 0.66 -13.26 14.08
C THR B 244 0.52 -12.23 12.93
N ASP B 245 0.87 -12.64 11.72
CA ASP B 245 0.63 -11.85 10.52
C ASP B 245 -0.87 -11.58 10.31
N ILE B 246 -1.69 -12.62 10.46
CA ILE B 246 -3.14 -12.47 10.34
C ILE B 246 -3.68 -11.47 11.36
N LYS B 247 -3.13 -11.50 12.57
CA LYS B 247 -3.56 -10.59 13.64
C LYS B 247 -3.16 -9.14 13.30
N LYS B 248 -2.11 -9.01 12.48
CA LYS B 248 -1.58 -7.70 12.04
C LYS B 248 -2.53 -7.10 11.01
N VAL B 249 -2.79 -7.84 9.94
CA VAL B 249 -3.73 -7.33 8.95
C VAL B 249 -5.06 -6.93 9.61
N ILE B 250 -5.49 -7.68 10.64
CA ILE B 250 -6.72 -7.36 11.40
C ILE B 250 -6.63 -6.01 12.08
N ALA B 251 -5.53 -5.82 12.82
CA ALA B 251 -5.19 -4.51 13.40
C ALA B 251 -5.22 -3.34 12.36
N ILE B 252 -4.52 -3.53 11.25
CA ILE B 252 -4.49 -2.54 10.15
C ILE B 252 -5.91 -2.22 9.62
N LEU B 253 -6.68 -3.25 9.28
CA LEU B 253 -8.07 -3.08 8.86
C LEU B 253 -8.97 -2.31 9.86
N GLU B 254 -8.86 -2.65 11.15
CA GLU B 254 -9.55 -1.90 12.19
C GLU B 254 -9.09 -0.45 12.23
N THR B 255 -7.78 -0.20 12.06
CA THR B 255 -7.25 1.15 12.01
C THR B 255 -7.81 1.87 10.79
N LEU B 256 -7.88 1.16 9.66
CA LEU B 256 -8.57 1.66 8.45
C LEU B 256 -10.11 1.77 8.55
N ASP B 257 -10.72 1.34 9.66
CA ASP B 257 -12.17 1.51 9.91
C ASP B 257 -12.98 0.34 9.46
N PHE B 258 -12.33 -0.79 9.16
CA PHE B 258 -13.09 -2.00 8.89
C PHE B 258 -13.52 -2.70 10.17
N LYS B 259 -14.79 -3.04 10.20
CA LYS B 259 -15.27 -3.98 11.18
C LYS B 259 -14.86 -5.35 10.62
N VAL B 260 -14.26 -6.13 11.50
CA VAL B 260 -13.69 -7.43 11.14
C VAL B 260 -14.32 -8.46 12.07
N GLU B 261 -15.00 -9.43 11.48
CA GLU B 261 -15.38 -10.64 12.17
C GLU B 261 -15.01 -11.89 11.38
N MSE B 262 -14.43 -12.87 12.08
CA MSE B 262 -14.09 -14.14 11.46
C MSE B 262 -15.34 -15.02 11.50
O MSE B 262 -15.93 -15.24 12.56
CB MSE B 262 -12.89 -14.79 12.18
CG MSE B 262 -12.46 -16.15 11.61
SE MSE B 262 -10.81 -16.95 12.40
CE MSE B 262 -11.37 -17.10 14.28
N ILE B 263 -15.74 -15.52 10.33
CA ILE B 263 -16.99 -16.27 10.17
C ILE B 263 -16.73 -17.74 9.76
N GLY B 264 -15.47 -18.06 9.46
CA GLY B 264 -15.07 -19.41 9.11
C GLY B 264 -13.65 -19.69 9.55
N ALA B 265 -13.38 -20.94 9.88
CA ALA B 265 -12.02 -21.41 10.18
C ALA B 265 -12.04 -22.93 10.08
N PHE B 266 -11.20 -23.46 9.20
CA PHE B 266 -11.17 -24.89 8.90
C PHE B 266 -9.88 -25.35 8.21
N ASN B 267 -9.89 -26.58 7.70
CA ASN B 267 -8.76 -27.17 6.95
C ASN B 267 -9.22 -27.81 5.64
NA NA C . 18.15 30.59 -9.22
C ACT D . 42.10 23.64 -13.48
O ACT D . 42.27 22.64 -12.74
OXT ACT D . 42.58 24.73 -13.06
CH3 ACT D . 41.39 23.57 -14.79
C1 EDO E . 25.95 24.87 0.56
O1 EDO E . 27.06 25.81 0.53
C2 EDO E . 24.94 25.41 -0.42
O2 EDO E . 24.24 24.43 -1.16
C1 PEG F . 36.08 24.00 4.22
O1 PEG F . 36.78 22.75 4.51
C2 PEG F . 34.56 23.93 4.44
O2 PEG F . 34.26 23.30 5.72
C3 PEG F . 32.86 22.92 5.77
C4 PEG F . 32.73 21.56 6.43
O4 PEG F . 31.42 20.98 6.49
C1 EDO G . -1.54 -0.96 4.12
O1 EDO G . -0.67 0.18 4.29
C2 EDO G . -2.03 -1.09 2.69
O2 EDO G . -3.46 -1.31 2.74
#